data_6XSD
#
_entry.id   6XSD
#
_cell.length_a   159.463
_cell.length_b   167.566
_cell.length_c   114.161
_cell.angle_alpha   90.000
_cell.angle_beta   90.000
_cell.angle_gamma   90.000
#
_symmetry.space_group_name_H-M   'C 2 2 21'
#
loop_
_entity.id
_entity.type
_entity.pdbx_description
1 polymer 'Beta-2-glycoprotein 1'
2 branched 2-acetamido-2-deoxy-beta-D-glucopyranose-(1-4)-2-acetamido-2-deoxy-beta-D-glucopyranose
3 non-polymer 2-acetamido-2-deoxy-beta-D-glucopyranose
#
_entity_poly.entity_id   1
_entity_poly.type   'polypeptide(L)'
_entity_poly.pdbx_seq_one_letter_code
;GRTCPKPDDLPFSTVVPLKTFYEPGEEITYSCKPGYVSRGGMRKFICPLTGLWPINTLKCTPRVCPFAGILENGAVRYTT
FEYPNTISFSCNTGFYLNGADSAKCTEEGKWSPELPVCAPIICPPPSIPTFATLRVYKPSAGNNSLYRDTAVFECLPQHA
MFGNDTITCTTHGNWTKLPECREVKCPFPSRPDNGFVNYPAKPTLYYKDKATFGCHDGYSLDGPEEIECTKLGNWSAMPS
CKASCKVPVKKATVVYQGERVKIQEKFKNGMLHGDKVSFFCKNKEKKCSYTEDAQCIDGTIEVPKCFKEHSSLAFWKTDA
SDVKPC
;
_entity_poly.pdbx_strand_id   A
#
# COMPACT_ATOMS: atom_id res chain seq x y z
N GLY A 1 -70.53 40.32 -20.01
CA GLY A 1 -70.34 39.78 -18.67
C GLY A 1 -70.15 40.82 -17.57
N ARG A 2 -70.27 40.40 -16.29
CA ARG A 2 -70.41 41.34 -15.20
C ARG A 2 -69.34 41.23 -14.10
N THR A 3 -68.56 40.14 -14.04
CA THR A 3 -67.46 40.02 -13.08
C THR A 3 -66.26 39.37 -13.76
N CYS A 4 -65.00 39.61 -13.21
CA CYS A 4 -63.97 38.77 -13.82
C CYS A 4 -63.80 37.48 -13.02
N PRO A 5 -63.42 36.39 -13.66
CA PRO A 5 -63.20 35.13 -12.94
C PRO A 5 -61.85 35.14 -12.24
N LYS A 6 -61.53 34.02 -11.63
CA LYS A 6 -60.26 33.86 -10.97
C LYS A 6 -59.12 34.02 -11.97
N PRO A 7 -58.08 34.80 -11.64
CA PRO A 7 -56.98 35.00 -12.58
C PRO A 7 -56.20 33.73 -12.79
N ASP A 8 -55.54 33.66 -13.93
CA ASP A 8 -54.75 32.51 -14.29
C ASP A 8 -53.52 32.46 -13.46
N ASP A 9 -53.00 31.27 -13.22
CA ASP A 9 -51.82 31.18 -12.42
C ASP A 9 -50.60 31.06 -13.30
N LEU A 10 -49.76 32.08 -13.30
CA LEU A 10 -48.55 32.06 -14.07
C LEU A 10 -47.54 31.26 -13.30
N PRO A 11 -46.56 30.71 -13.98
CA PRO A 11 -45.65 29.77 -13.36
C PRO A 11 -44.87 30.10 -12.11
N PHE A 12 -44.23 31.25 -11.94
CA PHE A 12 -43.52 31.41 -10.68
C PHE A 12 -43.91 32.72 -10.11
N SER A 13 -45.18 32.86 -9.83
CA SER A 13 -45.68 34.10 -9.35
C SER A 13 -46.85 33.93 -8.45
N THR A 14 -47.24 35.02 -7.84
CA THR A 14 -48.42 35.06 -7.00
C THR A 14 -49.24 36.27 -7.42
N VAL A 15 -50.56 36.16 -7.22
CA VAL A 15 -51.49 37.24 -7.51
C VAL A 15 -52.06 37.74 -6.20
N VAL A 16 -52.11 39.06 -6.05
CA VAL A 16 -52.70 39.61 -4.83
C VAL A 16 -53.64 40.74 -5.21
N PRO A 17 -54.86 40.79 -4.64
CA PRO A 17 -55.53 39.76 -3.83
C PRO A 17 -56.18 38.69 -4.70
N LEU A 18 -55.99 37.41 -4.35
CA LEU A 18 -56.54 36.28 -5.09
C LEU A 18 -57.94 35.96 -4.59
N LYS A 19 -58.95 36.23 -5.42
CA LYS A 19 -60.34 35.89 -5.19
C LYS A 19 -60.82 35.03 -6.35
N THR A 20 -62.03 34.46 -6.20
CA THR A 20 -62.55 33.62 -7.28
C THR A 20 -63.37 34.43 -8.28
N PHE A 21 -63.88 35.59 -7.89
CA PHE A 21 -64.42 36.53 -8.85
C PHE A 21 -64.19 37.95 -8.35
N TYR A 22 -64.12 38.89 -9.30
CA TYR A 22 -63.85 40.30 -9.05
C TYR A 22 -64.91 41.20 -9.69
N GLU A 23 -65.21 42.29 -9.01
CA GLU A 23 -66.07 43.34 -9.56
C GLU A 23 -65.28 44.22 -10.51
N PRO A 24 -65.93 44.73 -11.57
CA PRO A 24 -65.22 45.65 -12.46
C PRO A 24 -64.70 46.84 -11.67
N GLY A 25 -63.43 47.17 -11.88
CA GLY A 25 -62.75 48.20 -11.14
C GLY A 25 -61.82 47.70 -10.05
N GLU A 26 -61.90 46.43 -9.66
CA GLU A 26 -60.99 45.87 -8.68
C GLU A 26 -59.65 45.55 -9.32
N GLU A 27 -58.59 45.68 -8.53
CA GLU A 27 -57.23 45.55 -9.04
C GLU A 27 -56.59 44.28 -8.50
N ILE A 28 -55.75 43.65 -9.32
CA ILE A 28 -54.89 42.56 -8.88
C ILE A 28 -53.47 42.88 -9.28
N THR A 29 -52.52 42.26 -8.57
CA THR A 29 -51.09 42.41 -8.86
C THR A 29 -50.44 41.04 -8.98
N TYR A 30 -49.78 40.80 -10.10
CA TYR A 30 -48.91 39.65 -10.30
C TYR A 30 -47.50 40.05 -9.85
N SER A 31 -46.87 39.19 -9.06
CA SER A 31 -45.49 39.40 -8.65
C SER A 31 -44.77 38.08 -8.87
N CYS A 32 -43.52 38.17 -9.29
CA CYS A 32 -42.71 36.96 -9.38
C CYS A 32 -42.36 36.48 -7.99
N LYS A 33 -42.33 35.18 -7.80
CA LYS A 33 -41.95 34.58 -6.52
C LYS A 33 -40.53 35.00 -6.13
N PRO A 34 -40.19 34.96 -4.85
CA PRO A 34 -38.81 35.30 -4.45
C PRO A 34 -37.82 34.36 -5.13
N GLY A 35 -36.75 34.95 -5.69
CA GLY A 35 -35.80 34.20 -6.50
C GLY A 35 -36.09 34.21 -7.98
N TYR A 36 -37.15 34.89 -8.42
CA TYR A 36 -37.47 34.99 -9.82
C TYR A 36 -37.55 36.46 -10.21
N VAL A 37 -37.33 36.72 -11.48
CA VAL A 37 -37.52 38.05 -12.05
C VAL A 37 -38.22 37.87 -13.38
N SER A 38 -38.91 38.92 -13.83
CA SER A 38 -39.51 38.91 -15.16
C SER A 38 -39.27 40.24 -15.85
N ARG A 39 -39.21 40.18 -17.18
CA ARG A 39 -39.14 41.38 -18.00
C ARG A 39 -40.34 42.28 -17.74
N GLY A 40 -40.08 43.51 -17.31
CA GLY A 40 -41.11 44.51 -17.13
C GLY A 40 -41.63 44.69 -15.72
N GLY A 41 -41.01 44.05 -14.73
CA GLY A 41 -41.47 44.13 -13.35
C GLY A 41 -42.79 43.39 -13.17
N MET A 42 -43.55 43.83 -12.18
CA MET A 42 -44.85 43.23 -11.90
C MET A 42 -45.93 43.80 -12.82
N ARG A 43 -47.05 43.09 -12.92
CA ARG A 43 -48.17 43.51 -13.76
C ARG A 43 -49.40 43.73 -12.89
N LYS A 44 -49.99 44.91 -12.99
CA LYS A 44 -51.26 45.23 -12.36
C LYS A 44 -52.35 45.21 -13.42
N PHE A 45 -53.53 44.73 -13.05
CA PHE A 45 -54.67 44.73 -13.95
C PHE A 45 -55.89 45.13 -13.16
N ILE A 46 -56.81 45.79 -13.84
CA ILE A 46 -58.10 46.17 -13.29
C ILE A 46 -59.17 45.35 -14.01
N CYS A 47 -60.06 44.74 -13.25
CA CYS A 47 -61.17 44.00 -13.81
C CYS A 47 -62.01 44.93 -14.68
N PRO A 48 -62.10 44.70 -15.99
CA PRO A 48 -62.85 45.64 -16.83
C PRO A 48 -64.33 45.28 -16.88
N LEU A 49 -65.12 46.24 -17.35
CA LEU A 49 -66.56 46.04 -17.49
C LEU A 49 -66.94 44.76 -18.24
N THR A 50 -66.11 44.32 -19.19
CA THR A 50 -66.40 43.10 -19.91
C THR A 50 -66.26 41.85 -19.04
N GLY A 51 -65.54 41.91 -17.94
CA GLY A 51 -65.31 40.71 -17.14
C GLY A 51 -64.27 39.78 -17.71
N LEU A 52 -63.41 40.27 -18.61
CA LEU A 52 -62.36 39.51 -19.25
C LEU A 52 -61.04 40.10 -18.83
N TRP A 53 -60.25 39.30 -18.10
CA TRP A 53 -58.88 39.69 -17.82
C TRP A 53 -58.12 39.88 -19.12
N PRO A 54 -57.29 40.90 -19.23
CA PRO A 54 -56.48 41.07 -20.43
C PRO A 54 -55.36 40.06 -20.57
N ILE A 55 -54.55 40.27 -21.60
CA ILE A 55 -53.43 39.39 -21.87
C ILE A 55 -52.31 39.69 -20.87
N ASN A 56 -51.62 38.65 -20.43
CA ASN A 56 -50.58 38.80 -19.41
C ASN A 56 -49.24 38.47 -20.01
N THR A 57 -48.36 39.45 -20.14
CA THR A 57 -47.05 39.23 -20.71
C THR A 57 -45.98 38.86 -19.67
N LEU A 58 -46.38 38.44 -18.46
CA LEU A 58 -45.42 38.18 -17.39
C LEU A 58 -44.76 36.82 -17.57
N LYS A 59 -43.44 36.79 -17.63
CA LYS A 59 -42.72 35.52 -17.78
C LYS A 59 -41.60 35.47 -16.73
N CYS A 60 -41.84 34.76 -15.62
CA CYS A 60 -40.94 34.75 -14.47
C CYS A 60 -39.83 33.71 -14.64
N THR A 61 -38.59 34.17 -14.54
CA THR A 61 -37.47 33.25 -14.66
C THR A 61 -36.56 33.38 -13.44
N PRO A 62 -35.86 32.31 -13.07
CA PRO A 62 -34.97 32.37 -11.90
C PRO A 62 -33.82 33.34 -12.09
N ARG A 63 -33.53 34.11 -11.03
CA ARG A 63 -32.26 34.84 -10.98
C ARG A 63 -31.12 33.87 -11.25
N VAL A 64 -30.08 34.37 -11.91
CA VAL A 64 -28.88 33.57 -12.15
C VAL A 64 -27.75 34.16 -11.32
N CYS A 65 -27.09 33.29 -10.55
CA CYS A 65 -25.96 33.73 -9.77
C CYS A 65 -24.76 33.86 -10.70
N PRO A 66 -23.71 34.57 -10.29
CA PRO A 66 -22.56 34.75 -11.20
C PRO A 66 -21.96 33.40 -11.57
N PHE A 67 -21.35 33.35 -12.76
CA PHE A 67 -20.72 32.14 -13.27
C PHE A 67 -19.72 31.57 -12.26
N ALA A 68 -19.80 30.27 -12.03
CA ALA A 68 -18.97 29.67 -10.99
C ALA A 68 -18.57 28.27 -11.40
N GLY A 69 -18.26 28.09 -12.69
CA GLY A 69 -17.88 26.78 -13.18
C GLY A 69 -16.41 26.45 -13.13
N ILE A 70 -15.56 27.41 -12.79
CA ILE A 70 -14.12 27.20 -12.81
C ILE A 70 -13.61 27.37 -11.39
N LEU A 71 -13.11 26.29 -10.80
CA LEU A 71 -12.42 26.34 -9.52
C LEU A 71 -10.97 25.97 -9.80
N GLU A 72 -10.08 26.95 -9.74
CA GLU A 72 -8.67 26.69 -10.01
C GLU A 72 -8.16 25.56 -9.12
N ASN A 73 -7.64 24.53 -9.77
CA ASN A 73 -7.07 23.32 -9.17
C ASN A 73 -8.12 22.43 -8.57
N GLY A 74 -9.33 22.51 -9.08
CA GLY A 74 -10.40 21.66 -8.61
C GLY A 74 -11.51 21.48 -9.62
N ALA A 75 -12.69 21.20 -9.10
CA ALA A 75 -13.79 20.72 -9.91
C ALA A 75 -15.09 21.20 -9.29
N VAL A 76 -15.94 21.86 -10.08
CA VAL A 76 -17.28 22.24 -9.64
C VAL A 76 -18.28 21.25 -10.22
N ARG A 77 -19.30 20.90 -9.44
CA ARG A 77 -20.41 20.07 -9.89
C ARG A 77 -21.65 20.96 -9.97
N TYR A 78 -22.21 21.11 -11.17
CA TYR A 78 -23.35 21.99 -11.35
C TYR A 78 -24.18 21.54 -12.53
N THR A 79 -25.48 21.77 -12.44
CA THR A 79 -26.35 21.76 -13.61
C THR A 79 -26.38 23.16 -14.20
N THR A 80 -27.05 24.11 -13.53
CA THR A 80 -26.99 25.51 -13.93
C THR A 80 -26.95 26.43 -12.71
N PHE A 81 -26.60 27.69 -12.94
CA PHE A 81 -26.39 28.65 -11.88
C PHE A 81 -27.64 29.49 -11.54
N GLU A 82 -28.81 28.86 -11.50
CA GLU A 82 -30.08 29.55 -11.29
C GLU A 82 -30.57 29.38 -9.85
N TYR A 83 -31.46 30.31 -9.45
CA TYR A 83 -31.81 30.57 -8.05
C TYR A 83 -32.06 29.34 -7.18
N PRO A 84 -32.86 28.36 -7.56
CA PRO A 84 -33.04 27.23 -6.60
C PRO A 84 -31.73 26.47 -6.33
N ASN A 85 -30.74 26.52 -7.23
CA ASN A 85 -29.76 25.45 -7.36
C ASN A 85 -28.56 25.61 -6.42
N THR A 86 -27.96 24.46 -6.11
CA THR A 86 -26.74 24.37 -5.32
C THR A 86 -25.63 23.76 -6.17
N ILE A 87 -24.40 24.24 -5.98
CA ILE A 87 -23.23 23.66 -6.63
C ILE A 87 -22.28 23.15 -5.55
N SER A 88 -21.46 22.15 -5.90
CA SER A 88 -20.53 21.60 -4.93
C SER A 88 -19.12 21.54 -5.51
N PHE A 89 -18.13 21.47 -4.62
CA PHE A 89 -16.74 21.65 -5.00
C PHE A 89 -15.84 20.57 -4.44
N SER A 90 -14.79 20.25 -5.18
CA SER A 90 -13.73 19.40 -4.69
C SER A 90 -12.42 19.83 -5.36
N CYS A 91 -11.31 19.36 -4.80
CA CYS A 91 -10.00 19.83 -5.22
C CYS A 91 -9.19 18.69 -5.85
N ASN A 92 -8.29 19.06 -6.75
CA ASN A 92 -7.43 18.03 -7.33
C ASN A 92 -6.40 17.55 -6.31
N THR A 93 -5.86 16.34 -6.56
CA THR A 93 -4.85 15.76 -5.69
C THR A 93 -3.78 16.77 -5.33
N GLY A 94 -3.45 16.85 -4.03
CA GLY A 94 -2.42 17.78 -3.58
C GLY A 94 -2.96 19.10 -3.11
N PHE A 95 -4.26 19.34 -3.24
CA PHE A 95 -4.89 20.57 -2.81
C PHE A 95 -6.00 20.24 -1.84
N TYR A 96 -6.35 21.24 -1.02
CA TYR A 96 -7.48 21.16 -0.12
C TYR A 96 -8.42 22.34 -0.38
N LEU A 97 -9.68 22.14 0.00
CA LEU A 97 -10.73 23.14 -0.16
C LEU A 97 -10.68 24.14 0.99
N ASN A 98 -10.27 25.36 0.68
CA ASN A 98 -10.31 26.45 1.65
C ASN A 98 -11.68 27.14 1.55
N GLY A 99 -12.65 26.58 2.26
CA GLY A 99 -14.00 27.09 2.26
C GLY A 99 -15.02 25.97 2.28
N ALA A 100 -16.31 26.29 2.19
CA ALA A 100 -17.34 25.28 2.17
C ALA A 100 -17.35 24.51 0.85
N ASP A 101 -17.80 23.26 0.92
CA ASP A 101 -17.76 22.38 -0.24
C ASP A 101 -19.08 22.35 -1.00
N SER A 102 -19.98 23.29 -0.71
CA SER A 102 -21.14 23.51 -1.56
C SER A 102 -21.65 24.92 -1.30
N ALA A 103 -22.44 25.43 -2.24
CA ALA A 103 -22.99 26.76 -2.12
C ALA A 103 -24.33 26.79 -2.84
N LYS A 104 -25.20 27.69 -2.42
CA LYS A 104 -26.53 27.80 -3.01
C LYS A 104 -26.66 29.16 -3.64
N CYS A 105 -27.48 29.19 -4.70
CA CYS A 105 -27.92 30.44 -5.30
C CYS A 105 -29.13 30.94 -4.50
N THR A 106 -29.05 32.14 -3.96
CA THR A 106 -30.11 32.56 -3.06
C THR A 106 -31.17 33.33 -3.85
N GLU A 107 -32.33 33.51 -3.20
CA GLU A 107 -33.35 34.46 -3.65
C GLU A 107 -32.72 35.75 -4.17
N GLU A 108 -31.63 36.22 -3.57
CA GLU A 108 -31.05 37.47 -4.03
C GLU A 108 -30.05 37.31 -5.16
N GLY A 109 -29.89 36.09 -5.69
CA GLY A 109 -28.94 35.86 -6.76
C GLY A 109 -27.49 36.01 -6.35
N LYS A 110 -27.14 35.60 -5.12
CA LYS A 110 -25.78 35.56 -4.63
C LYS A 110 -25.45 34.14 -4.20
N TRP A 111 -24.18 33.79 -4.25
CA TRP A 111 -23.76 32.49 -3.76
C TRP A 111 -23.63 32.56 -2.24
N SER A 112 -24.31 31.65 -1.56
CA SER A 112 -24.11 31.48 -0.13
C SER A 112 -23.96 29.99 0.15
N PRO A 113 -22.90 29.55 0.84
CA PRO A 113 -21.95 30.31 1.63
C PRO A 113 -20.81 30.95 0.91
N GLU A 114 -20.87 31.44 -0.32
CA GLU A 114 -19.70 32.17 -0.82
C GLU A 114 -18.58 31.23 -1.24
N LEU A 115 -18.00 31.45 -2.43
CA LEU A 115 -17.29 30.35 -3.06
C LEU A 115 -15.87 30.15 -2.52
N PRO A 116 -15.42 28.90 -2.45
CA PRO A 116 -14.09 28.60 -1.93
C PRO A 116 -12.98 28.67 -2.97
N VAL A 117 -11.75 28.50 -2.50
CA VAL A 117 -10.61 28.30 -3.38
C VAL A 117 -9.85 27.06 -2.90
N CYS A 118 -9.09 26.49 -3.83
CA CYS A 118 -8.23 25.36 -3.53
C CYS A 118 -6.85 25.87 -3.17
N ALA A 119 -6.21 25.21 -2.22
CA ALA A 119 -4.87 25.61 -1.84
C ALA A 119 -3.99 24.39 -1.67
N PRO A 120 -2.69 24.55 -1.86
CA PRO A 120 -1.78 23.40 -1.75
C PRO A 120 -1.66 22.91 -0.32
N ILE A 121 -1.77 21.60 -0.16
CA ILE A 121 -1.47 20.92 1.10
C ILE A 121 0.02 21.04 1.39
N ILE A 122 0.37 21.58 2.54
CA ILE A 122 1.78 21.67 2.86
C ILE A 122 2.05 21.12 4.26
N CYS A 123 3.29 20.70 4.48
CA CYS A 123 3.74 20.30 5.81
C CYS A 123 4.98 21.09 6.22
N PRO A 124 5.10 21.39 7.50
CA PRO A 124 6.30 22.00 8.02
C PRO A 124 7.45 21.01 7.97
N PRO A 125 8.68 21.48 8.12
CA PRO A 125 9.82 20.57 8.20
C PRO A 125 9.61 19.56 9.31
N PRO A 126 9.97 18.30 9.07
CA PRO A 126 9.77 17.28 10.10
C PRO A 126 10.82 17.38 11.18
N SER A 127 10.46 16.92 12.37
CA SER A 127 11.43 16.83 13.45
C SER A 127 12.21 15.53 13.32
N ILE A 128 13.43 15.57 13.83
CA ILE A 128 14.37 14.46 13.71
C ILE A 128 14.33 13.64 14.99
N PRO A 129 14.02 12.34 14.93
CA PRO A 129 13.94 11.53 16.16
C PRO A 129 15.27 11.49 16.89
N THR A 130 15.20 11.13 18.19
CA THR A 130 16.20 11.62 19.12
C THR A 130 17.58 10.94 19.01
N PHE A 131 17.74 9.85 18.24
CA PHE A 131 19.10 9.37 17.93
C PHE A 131 19.31 9.20 16.44
N ALA A 132 18.70 10.05 15.62
CA ALA A 132 18.63 9.83 14.19
C ALA A 132 19.27 10.98 13.42
N THR A 133 19.65 10.71 12.18
CA THR A 133 20.09 11.74 11.27
C THR A 133 19.16 11.77 10.05
N LEU A 134 19.10 12.92 9.39
CA LEU A 134 18.19 13.13 8.26
C LEU A 134 18.91 12.79 6.97
N ARG A 135 18.60 11.63 6.39
CA ARG A 135 19.31 11.20 5.20
C ARG A 135 18.82 11.93 3.96
N VAL A 136 17.53 11.79 3.62
CA VAL A 136 16.93 12.40 2.44
C VAL A 136 15.85 13.39 2.88
N TYR A 137 16.05 14.68 2.60
CA TYR A 137 14.99 15.68 2.80
C TYR A 137 15.30 16.94 1.98
N LYS A 138 14.36 17.34 1.11
CA LYS A 138 14.45 18.66 0.49
C LYS A 138 13.06 19.31 0.45
N PRO A 139 12.92 20.52 1.00
CA PRO A 139 11.63 21.21 0.94
C PRO A 139 11.29 21.57 -0.50
N SER A 140 9.99 21.46 -0.84
CA SER A 140 9.52 21.70 -2.20
C SER A 140 8.60 22.91 -2.32
N ALA A 141 8.43 23.70 -1.25
CA ALA A 141 7.45 24.80 -1.24
C ALA A 141 7.92 25.77 -0.15
N GLY A 142 8.88 26.62 -0.51
CA GLY A 142 9.51 27.48 0.46
C GLY A 142 10.25 26.63 1.47
N ASN A 143 10.04 26.91 2.74
CA ASN A 143 10.65 26.08 3.76
C ASN A 143 9.87 24.80 4.03
N ASN A 144 8.79 24.54 3.30
CA ASN A 144 7.84 23.49 3.64
C ASN A 144 7.82 22.40 2.57
N SER A 145 7.07 21.34 2.85
CA SER A 145 6.97 20.20 1.96
C SER A 145 5.55 20.07 1.44
N LEU A 146 5.40 19.46 0.27
CA LEU A 146 4.10 19.29 -0.36
C LEU A 146 3.55 17.89 -0.08
N TYR A 147 2.30 17.69 -0.44
CA TYR A 147 1.63 16.44 -0.14
C TYR A 147 2.34 15.28 -0.84
N ARG A 148 2.47 14.15 -0.12
CA ARG A 148 3.05 12.91 -0.63
C ARG A 148 4.58 13.00 -0.74
N ASP A 149 5.16 14.18 -0.48
CA ASP A 149 6.60 14.29 -0.23
C ASP A 149 7.08 13.33 0.87
N THR A 150 8.38 13.03 0.89
CA THR A 150 8.91 12.09 1.84
C THR A 150 10.21 12.61 2.44
N ALA A 151 10.50 12.09 3.63
CA ALA A 151 11.81 12.25 4.25
C ALA A 151 12.25 10.89 4.76
N VAL A 152 13.57 10.64 4.71
CA VAL A 152 14.13 9.35 5.11
C VAL A 152 15.14 9.55 6.21
N PHE A 153 14.99 8.79 7.28
CA PHE A 153 15.89 8.82 8.42
C PHE A 153 16.90 7.69 8.35
N GLU A 154 18.01 7.90 9.06
CA GLU A 154 19.10 6.95 9.21
C GLU A 154 19.53 6.98 10.67
N CYS A 155 19.55 5.83 11.34
CA CYS A 155 19.96 5.82 12.75
C CYS A 155 21.47 6.07 12.88
N LEU A 156 21.88 6.50 14.07
CA LEU A 156 23.29 6.67 14.36
C LEU A 156 23.97 5.30 14.51
N PRO A 157 25.25 5.20 14.10
CA PRO A 157 26.03 3.98 14.33
C PRO A 157 25.75 3.29 15.65
N GLN A 158 25.48 1.99 15.59
CA GLN A 158 25.19 1.10 16.72
C GLN A 158 23.77 1.25 17.24
N HIS A 159 22.93 2.03 16.55
CA HIS A 159 21.53 2.16 16.89
C HIS A 159 20.66 1.50 15.83
N ALA A 160 19.59 0.85 16.30
CA ALA A 160 18.65 0.14 15.46
C ALA A 160 17.36 0.93 15.34
N MET A 161 16.84 1.03 14.12
CA MET A 161 15.61 1.75 13.86
C MET A 161 14.40 0.85 14.08
N PHE A 162 13.47 1.32 14.89
CA PHE A 162 12.21 0.63 15.12
C PHE A 162 11.12 1.47 14.46
N GLY A 163 10.52 0.93 13.41
CA GLY A 163 9.56 1.65 12.60
C GLY A 163 10.18 2.10 11.28
N ASN A 164 9.28 2.34 10.32
CA ASN A 164 9.67 2.71 8.96
C ASN A 164 10.61 3.90 8.96
N ASP A 165 11.59 3.88 8.06
CA ASP A 165 12.58 4.93 7.98
C ASP A 165 12.15 6.12 7.14
N THR A 166 11.00 6.02 6.47
CA THR A 166 10.52 7.09 5.61
C THR A 166 9.19 7.60 6.14
N ILE A 167 9.06 8.93 6.11
CA ILE A 167 7.83 9.59 6.49
C ILE A 167 7.29 10.33 5.29
N THR A 168 5.97 10.46 5.25
CA THR A 168 5.28 11.15 4.17
C THR A 168 4.46 12.30 4.71
N CYS A 169 4.45 13.41 3.96
CA CYS A 169 3.53 14.53 4.19
C CYS A 169 2.10 14.10 3.85
N THR A 170 1.21 14.14 4.83
CA THR A 170 -0.18 13.70 4.67
C THR A 170 -1.10 14.88 4.36
N THR A 171 -2.39 14.59 4.12
CA THR A 171 -3.39 15.64 3.91
C THR A 171 -3.59 16.49 5.16
N HIS A 172 -3.40 15.95 6.33
CA HIS A 172 -3.57 16.78 7.50
C HIS A 172 -2.40 17.71 7.76
N GLY A 173 -1.50 17.89 6.79
CA GLY A 173 -0.36 18.75 7.00
C GLY A 173 0.57 18.34 8.14
N ASN A 174 0.48 17.10 8.61
CA ASN A 174 1.51 16.53 9.45
C ASN A 174 2.09 15.31 8.74
N TRP A 175 3.23 14.85 9.24
CA TRP A 175 3.89 13.68 8.68
C TRP A 175 3.34 12.40 9.30
N THR A 176 3.54 11.29 8.60
CA THR A 176 3.33 9.97 9.18
C THR A 176 4.30 9.74 10.34
N LYS A 177 4.00 8.72 11.15
CA LYS A 177 4.70 8.47 12.42
C LYS A 177 6.22 8.38 12.22
N LEU A 178 6.96 8.97 13.15
CA LEU A 178 8.41 8.93 13.13
C LEU A 178 8.94 7.61 13.70
N PRO A 179 10.11 7.15 13.25
CA PRO A 179 10.75 5.99 13.87
C PRO A 179 11.55 6.37 15.10
N GLU A 180 11.93 5.35 15.87
CA GLU A 180 12.81 5.47 17.02
C GLU A 180 14.18 4.85 16.73
N CYS A 181 15.20 5.36 17.41
CA CYS A 181 16.59 4.91 17.24
C CYS A 181 17.17 4.52 18.60
N ARG A 182 17.12 3.24 18.94
CA ARG A 182 17.69 2.72 20.17
C ARG A 182 19.03 2.04 19.94
N GLU A 183 19.93 2.16 20.93
CA GLU A 183 21.16 1.37 20.94
C GLU A 183 20.87 -0.06 21.36
N VAL A 184 21.47 -1.01 20.62
CA VAL A 184 21.32 -2.43 20.89
C VAL A 184 22.71 -3.07 20.94
N LYS A 185 22.95 -3.90 21.96
CA LYS A 185 24.20 -4.63 22.13
C LYS A 185 23.96 -6.14 21.97
N CYS A 186 25.01 -6.85 21.51
CA CYS A 186 24.87 -8.31 21.53
C CYS A 186 25.93 -8.98 22.41
N PRO A 187 25.61 -10.15 22.95
CA PRO A 187 26.64 -10.98 23.58
C PRO A 187 27.71 -11.35 22.58
N PHE A 188 28.85 -11.83 23.10
CA PHE A 188 29.84 -12.41 22.21
C PHE A 188 29.35 -13.77 21.71
N PRO A 189 29.69 -14.13 20.47
CA PRO A 189 29.18 -15.40 19.93
C PRO A 189 30.00 -16.60 20.39
N SER A 190 29.32 -17.75 20.46
CA SER A 190 29.96 -19.00 20.86
C SER A 190 30.92 -19.50 19.79
N ARG A 191 32.15 -19.85 20.18
CA ARG A 191 33.02 -20.63 19.29
C ARG A 191 32.44 -22.02 19.12
N PRO A 192 32.32 -22.53 17.91
CA PRO A 192 31.75 -23.87 17.73
C PRO A 192 32.80 -24.96 17.90
N ASP A 193 32.35 -26.12 18.34
CA ASP A 193 33.24 -27.29 18.40
C ASP A 193 33.72 -27.66 17.00
N ASN A 194 35.00 -28.00 16.90
CA ASN A 194 35.66 -28.29 15.63
C ASN A 194 35.63 -27.10 14.68
N GLY A 195 35.52 -25.89 15.21
CA GLY A 195 35.59 -24.73 14.37
C GLY A 195 36.06 -23.50 15.10
N PHE A 196 35.98 -22.36 14.43
CA PHE A 196 36.46 -21.10 14.97
C PHE A 196 35.48 -20.00 14.60
N VAL A 197 35.45 -18.94 15.42
CA VAL A 197 34.65 -17.76 15.14
C VAL A 197 35.54 -16.54 15.11
N ASN A 198 35.13 -15.55 14.34
CA ASN A 198 35.85 -14.28 14.24
C ASN A 198 34.87 -13.14 14.42
N TYR A 199 35.30 -12.10 15.14
CA TYR A 199 34.47 -10.93 15.33
C TYR A 199 35.35 -9.78 15.78
N PRO A 200 34.96 -8.53 15.49
CA PRO A 200 35.86 -7.40 15.77
C PRO A 200 36.32 -7.37 17.22
N ALA A 201 37.57 -6.93 17.42
CA ALA A 201 38.18 -6.95 18.76
C ALA A 201 37.82 -5.66 19.48
N LYS A 202 36.72 -5.70 20.23
CA LYS A 202 36.24 -4.53 20.96
C LYS A 202 35.50 -4.99 22.19
N PRO A 203 35.43 -4.18 23.24
CA PRO A 203 34.86 -4.63 24.52
C PRO A 203 33.41 -5.01 24.44
N THR A 204 32.67 -4.46 23.48
CA THR A 204 31.25 -4.72 23.38
C THR A 204 30.84 -4.61 21.92
N LEU A 205 29.85 -5.43 21.55
CA LEU A 205 29.42 -5.58 20.18
C LEU A 205 27.97 -5.12 20.03
N TYR A 206 27.72 -4.33 18.97
CA TYR A 206 26.46 -3.62 18.79
C TYR A 206 25.70 -4.12 17.57
N TYR A 207 24.59 -3.45 17.30
CA TYR A 207 23.74 -3.74 16.15
C TYR A 207 24.55 -3.64 14.86
N LYS A 208 24.31 -4.59 13.95
CA LYS A 208 24.91 -4.68 12.62
C LYS A 208 26.38 -5.12 12.65
N ASP A 209 26.96 -5.31 13.83
CA ASP A 209 28.27 -5.93 13.94
C ASP A 209 28.19 -7.38 13.48
N LYS A 210 29.25 -7.83 12.81
CA LYS A 210 29.25 -9.14 12.15
C LYS A 210 30.31 -10.08 12.72
N ALA A 211 29.96 -11.36 12.79
CA ALA A 211 30.87 -12.43 13.16
C ALA A 211 30.89 -13.49 12.06
N THR A 212 32.08 -14.03 11.77
CA THR A 212 32.21 -15.08 10.75
C THR A 212 32.72 -16.38 11.37
N PHE A 213 32.16 -17.50 10.91
CA PHE A 213 32.47 -18.83 11.38
C PHE A 213 33.22 -19.63 10.32
N GLY A 214 34.13 -20.50 10.78
CA GLY A 214 34.73 -21.52 9.95
C GLY A 214 34.82 -22.85 10.67
N CYS A 215 35.10 -23.89 9.89
CA CYS A 215 35.12 -25.27 10.38
C CYS A 215 36.44 -25.94 10.01
N HIS A 216 37.01 -26.69 10.94
CA HIS A 216 38.15 -27.54 10.64
C HIS A 216 37.79 -28.60 9.59
N ASP A 217 38.83 -29.14 8.93
CA ASP A 217 38.62 -30.17 7.92
C ASP A 217 37.86 -31.36 8.49
N GLY A 218 37.02 -31.96 7.66
CA GLY A 218 36.12 -32.99 8.11
C GLY A 218 34.82 -32.47 8.68
N TYR A 219 34.69 -31.15 8.78
CA TYR A 219 33.48 -30.53 9.30
C TYR A 219 33.01 -29.41 8.38
N SER A 220 31.70 -29.16 8.38
CA SER A 220 31.17 -28.00 7.68
C SER A 220 30.11 -27.33 8.55
N LEU A 221 29.85 -26.06 8.25
CA LEU A 221 28.84 -25.31 8.99
C LEU A 221 27.45 -25.82 8.66
N ASP A 222 26.59 -25.88 9.67
CA ASP A 222 25.19 -26.19 9.43
C ASP A 222 24.31 -24.92 9.42
N GLY A 223 24.91 -23.78 9.11
CA GLY A 223 24.24 -22.50 9.09
C GLY A 223 25.09 -21.51 8.31
N PRO A 224 24.77 -20.23 8.40
CA PRO A 224 25.46 -19.25 7.56
C PRO A 224 26.84 -18.93 8.08
N GLU A 225 27.77 -18.74 7.15
CA GLU A 225 29.14 -18.41 7.53
C GLU A 225 29.23 -17.05 8.21
N GLU A 226 28.40 -16.09 7.83
CA GLU A 226 28.38 -14.78 8.47
C GLU A 226 27.06 -14.57 9.20
N ILE A 227 27.14 -13.88 10.34
CA ILE A 227 25.98 -13.58 11.18
C ILE A 227 26.16 -12.14 11.64
N GLU A 228 25.05 -11.54 12.06
CA GLU A 228 25.12 -10.16 12.54
C GLU A 228 24.20 -9.99 13.74
N CYS A 229 24.51 -8.99 14.56
CA CYS A 229 23.66 -8.66 15.70
C CYS A 229 22.40 -7.94 15.21
N THR A 230 21.24 -8.55 15.45
CA THR A 230 19.95 -8.00 15.05
C THR A 230 19.49 -6.89 16.01
N LYS A 231 18.41 -6.21 15.63
CA LYS A 231 17.85 -5.13 16.44
C LYS A 231 17.33 -5.63 17.78
N LEU A 232 17.01 -6.91 17.89
CA LEU A 232 16.43 -7.45 19.11
C LEU A 232 17.48 -7.93 20.12
N GLY A 233 18.77 -7.67 19.88
CA GLY A 233 19.79 -7.99 20.87
C GLY A 233 20.31 -9.41 20.87
N ASN A 234 19.74 -10.32 20.08
CA ASN A 234 20.35 -11.59 19.81
C ASN A 234 21.03 -11.58 18.44
N TRP A 235 21.54 -12.75 18.07
CA TRP A 235 22.34 -12.86 16.86
CA TRP A 235 22.37 -12.99 16.90
C TRP A 235 21.52 -13.37 15.70
N SER A 236 21.95 -12.96 14.51
CA SER A 236 21.29 -13.39 13.28
C SER A 236 21.12 -14.91 13.21
N ALA A 237 22.17 -15.67 13.57
CA ALA A 237 22.13 -17.13 13.72
C ALA A 237 23.26 -17.56 14.65
N MET A 238 23.31 -18.86 14.95
CA MET A 238 24.41 -19.46 15.73
C MET A 238 24.74 -20.84 15.20
N PRO A 239 25.54 -20.92 14.14
CA PRO A 239 25.80 -22.21 13.49
C PRO A 239 26.86 -23.06 14.20
N SER A 240 26.68 -24.38 14.10
CA SER A 240 27.64 -25.36 14.56
C SER A 240 28.48 -25.94 13.40
N CYS A 241 29.59 -26.57 13.77
CA CYS A 241 30.40 -27.36 12.84
C CYS A 241 30.02 -28.83 12.94
N LYS A 242 29.27 -29.32 11.96
CA LYS A 242 28.86 -30.71 11.98
C LYS A 242 29.82 -31.57 11.17
N ALA A 243 29.78 -32.87 11.45
CA ALA A 243 30.78 -33.79 10.94
C ALA A 243 30.40 -34.29 9.56
N SER A 244 31.40 -34.40 8.67
CA SER A 244 31.19 -34.96 7.35
C SER A 244 31.12 -36.49 7.43
N CYS A 245 30.67 -37.13 6.37
CA CYS A 245 30.61 -38.59 6.31
C CYS A 245 31.57 -39.12 5.25
N LYS A 246 32.38 -40.11 5.62
CA LYS A 246 33.04 -40.96 4.62
C LYS A 246 32.00 -41.48 3.64
N VAL A 247 32.41 -41.63 2.38
CA VAL A 247 31.44 -42.14 1.40
C VAL A 247 31.08 -43.57 1.82
N PRO A 248 29.80 -43.95 1.87
CA PRO A 248 29.41 -45.18 2.57
C PRO A 248 29.50 -46.44 1.72
N VAL A 249 29.71 -46.34 0.42
CA VAL A 249 29.94 -47.47 -0.46
C VAL A 249 31.09 -47.07 -1.39
N LYS A 250 31.64 -48.05 -2.12
CA LYS A 250 32.74 -47.72 -3.04
C LYS A 250 32.24 -47.28 -4.41
N LYS A 251 31.23 -47.96 -4.96
CA LYS A 251 30.72 -47.64 -6.29
C LYS A 251 29.20 -47.71 -6.27
N ALA A 252 28.55 -46.58 -6.59
CA ALA A 252 27.10 -46.61 -6.75
C ALA A 252 26.64 -45.36 -7.48
N THR A 253 25.58 -45.51 -8.27
CA THR A 253 24.93 -44.40 -8.94
C THR A 253 23.73 -43.98 -8.10
N VAL A 254 23.63 -42.70 -7.79
CA VAL A 254 22.62 -42.20 -6.88
C VAL A 254 22.02 -40.93 -7.47
N VAL A 255 20.82 -40.60 -6.99
CA VAL A 255 20.21 -39.32 -7.30
C VAL A 255 20.72 -38.30 -6.29
N TYR A 256 21.32 -37.22 -6.78
CA TYR A 256 21.73 -36.11 -5.93
C TYR A 256 21.16 -34.82 -6.51
N GLN A 257 20.25 -34.19 -5.78
CA GLN A 257 19.60 -32.97 -6.24
C GLN A 257 18.94 -33.19 -7.60
N GLY A 258 18.14 -34.27 -7.67
CA GLY A 258 17.32 -34.53 -8.83
C GLY A 258 18.03 -35.15 -10.01
N GLU A 259 19.35 -35.29 -9.98
CA GLU A 259 20.10 -35.79 -11.12
C GLU A 259 20.99 -36.96 -10.72
N ARG A 260 21.19 -37.88 -11.65
CA ARG A 260 22.04 -39.04 -11.41
C ARG A 260 23.50 -38.63 -11.32
N VAL A 261 24.17 -39.07 -10.26
CA VAL A 261 25.61 -38.93 -10.14
C VAL A 261 26.20 -40.26 -9.72
N LYS A 262 27.49 -40.43 -9.98
CA LYS A 262 28.27 -41.50 -9.40
C LYS A 262 28.75 -41.01 -8.04
N ILE A 263 28.31 -41.70 -6.97
CA ILE A 263 28.55 -41.21 -5.61
C ILE A 263 30.04 -41.12 -5.31
N GLN A 264 30.82 -42.10 -5.81
CA GLN A 264 32.27 -42.06 -5.63
C GLN A 264 32.91 -40.88 -6.35
N GLU A 265 32.24 -40.30 -7.34
CA GLU A 265 32.77 -39.12 -8.01
C GLU A 265 32.32 -37.83 -7.32
N LYS A 266 31.00 -37.62 -7.26
CA LYS A 266 30.47 -36.37 -6.68
C LYS A 266 30.96 -36.16 -5.25
N PHE A 267 31.09 -37.22 -4.47
CA PHE A 267 31.47 -37.09 -3.07
C PHE A 267 32.81 -37.75 -2.79
N LYS A 268 33.81 -37.46 -3.63
CA LYS A 268 35.09 -38.12 -3.47
C LYS A 268 35.81 -37.69 -2.18
N ASN A 269 35.55 -36.48 -1.68
CA ASN A 269 36.14 -36.02 -0.43
C ASN A 269 35.15 -36.09 0.73
N GLY A 270 34.27 -37.07 0.72
CA GLY A 270 33.24 -37.19 1.73
C GLY A 270 31.97 -36.46 1.37
N MET A 271 30.97 -36.65 2.21
CA MET A 271 29.70 -35.95 2.12
C MET A 271 29.63 -34.91 3.23
N LEU A 272 29.15 -33.72 2.90
CA LEU A 272 28.93 -32.71 3.91
C LEU A 272 27.69 -33.05 4.72
N HIS A 273 27.71 -32.66 6.00
CA HIS A 273 26.51 -32.72 6.84
C HIS A 273 25.33 -32.08 6.13
N GLY A 274 24.26 -32.84 5.96
CA GLY A 274 23.06 -32.37 5.29
C GLY A 274 22.84 -32.96 3.91
N ASP A 275 23.90 -33.34 3.20
CA ASP A 275 23.77 -33.88 1.84
C ASP A 275 22.84 -35.09 1.81
N LYS A 276 21.77 -34.99 1.02
CA LYS A 276 20.87 -36.11 0.81
C LYS A 276 21.13 -36.69 -0.57
N VAL A 277 21.08 -38.01 -0.67
CA VAL A 277 21.11 -38.70 -1.94
C VAL A 277 20.01 -39.73 -1.92
N SER A 278 19.82 -40.41 -3.06
CA SER A 278 18.82 -41.45 -3.17
C SER A 278 19.47 -42.68 -3.78
N PHE A 279 19.35 -43.81 -3.10
CA PHE A 279 19.97 -45.03 -3.61
C PHE A 279 18.96 -45.79 -4.44
N PHE A 280 19.46 -46.62 -5.35
CA PHE A 280 18.60 -47.36 -6.27
C PHE A 280 18.42 -48.77 -5.76
N CYS A 281 17.17 -49.19 -5.62
CA CYS A 281 16.82 -50.48 -5.06
C CYS A 281 16.00 -51.25 -6.09
N LYS A 282 16.22 -52.56 -6.15
CA LYS A 282 15.61 -53.42 -7.15
C LYS A 282 14.38 -54.11 -6.55
N ASN A 283 13.20 -53.79 -7.06
CA ASN A 283 11.97 -54.54 -6.80
C ASN A 283 12.05 -55.88 -7.53
N LYS A 284 12.49 -56.93 -6.83
CA LYS A 284 12.73 -58.21 -7.50
C LYS A 284 11.48 -58.74 -8.18
N GLU A 285 10.31 -58.45 -7.60
CA GLU A 285 9.03 -58.95 -8.09
C GLU A 285 8.71 -58.38 -9.47
N LYS A 286 8.42 -57.08 -9.54
CA LYS A 286 8.09 -56.41 -10.80
C LYS A 286 9.30 -56.10 -11.68
N LYS A 287 10.51 -56.54 -11.30
CA LYS A 287 11.73 -56.37 -12.10
C LYS A 287 11.91 -54.92 -12.56
N CYS A 288 12.03 -54.03 -11.57
CA CYS A 288 12.15 -52.61 -11.83
C CYS A 288 12.83 -51.96 -10.63
N SER A 289 13.15 -50.67 -10.78
CA SER A 289 13.96 -49.95 -9.82
C SER A 289 13.15 -48.88 -9.10
N TYR A 290 13.42 -48.72 -7.81
CA TYR A 290 12.90 -47.61 -7.04
C TYR A 290 14.05 -47.03 -6.23
N THR A 291 13.84 -45.82 -5.72
CA THR A 291 14.86 -45.16 -4.93
C THR A 291 14.42 -45.00 -3.47
N GLU A 292 15.42 -44.88 -2.60
CA GLU A 292 15.18 -44.58 -1.19
C GLU A 292 16.29 -43.67 -0.69
N ASP A 293 15.91 -42.74 0.19
CA ASP A 293 16.81 -41.64 0.54
C ASP A 293 17.72 -41.99 1.71
N ALA A 294 18.76 -41.18 1.85
CA ALA A 294 19.80 -41.36 2.84
C ALA A 294 20.47 -40.01 3.01
N GLN A 295 20.74 -39.62 4.25
CA GLN A 295 21.31 -38.31 4.48
C GLN A 295 22.50 -38.41 5.43
N CYS A 296 23.55 -37.65 5.13
CA CYS A 296 24.66 -37.46 6.04
C CYS A 296 24.22 -36.58 7.20
N ILE A 297 24.23 -37.14 8.41
CA ILE A 297 23.87 -36.41 9.62
C ILE A 297 25.03 -36.49 10.61
N ASP A 298 25.78 -35.39 10.73
CA ASP A 298 26.87 -35.27 11.70
C ASP A 298 27.74 -36.54 11.72
N GLY A 299 28.30 -36.86 10.54
CA GLY A 299 29.21 -37.98 10.40
C GLY A 299 28.56 -39.32 10.15
N THR A 300 27.25 -39.44 10.27
CA THR A 300 26.57 -40.70 10.00
C THR A 300 25.64 -40.59 8.79
N ILE A 301 25.73 -41.55 7.88
CA ILE A 301 24.73 -41.74 6.84
C ILE A 301 24.37 -43.23 6.83
N GLU A 302 23.09 -43.52 6.76
CA GLU A 302 22.64 -44.90 6.77
C GLU A 302 22.11 -45.26 5.39
N VAL A 303 22.83 -46.16 4.73
CA VAL A 303 22.43 -46.75 3.45
C VAL A 303 21.15 -47.54 3.62
N PRO A 304 20.12 -47.31 2.79
CA PRO A 304 18.94 -48.19 2.82
C PRO A 304 19.35 -49.67 2.77
N LYS A 305 18.61 -50.53 3.49
CA LYS A 305 18.99 -51.93 3.53
C LYS A 305 18.65 -52.64 2.23
N CYS A 306 17.64 -52.15 1.49
CA CYS A 306 17.33 -52.74 0.19
C CYS A 306 18.46 -52.54 -0.81
N PHE A 307 19.37 -51.60 -0.56
CA PHE A 307 20.49 -51.39 -1.46
C PHE A 307 21.43 -52.58 -1.41
N LYS A 308 21.76 -53.11 -2.58
CA LYS A 308 22.78 -54.14 -2.74
C LYS A 308 23.87 -53.57 -3.64
N GLU A 309 25.09 -53.46 -3.10
CA GLU A 309 26.25 -53.03 -3.87
C GLU A 309 26.88 -54.26 -4.49
N HIS A 310 26.80 -54.37 -5.81
CA HIS A 310 27.54 -55.40 -6.51
C HIS A 310 28.97 -54.93 -6.70
N SER A 311 29.92 -55.73 -6.23
CA SER A 311 31.31 -55.51 -6.64
C SER A 311 31.36 -55.55 -8.17
N SER A 312 32.09 -54.60 -8.77
CA SER A 312 32.22 -54.57 -10.23
C SER A 312 32.86 -55.85 -10.77
N LEU A 313 33.51 -56.64 -9.89
CA LEU A 313 33.97 -57.98 -10.25
C LEU A 313 32.80 -58.86 -10.71
N ALA A 314 31.68 -58.81 -9.97
CA ALA A 314 30.47 -59.54 -10.34
C ALA A 314 29.65 -58.72 -11.34
N PHE A 315 30.17 -58.66 -12.58
CA PHE A 315 29.54 -57.93 -13.69
C PHE A 315 28.44 -58.75 -14.39
N TRP A 316 28.15 -59.96 -13.90
CA TRP A 316 27.09 -60.79 -14.46
C TRP A 316 25.69 -60.40 -13.97
N LYS A 317 25.58 -59.52 -12.96
CA LYS A 317 24.31 -58.99 -12.50
C LYS A 317 24.23 -57.49 -12.80
N THR A 318 23.00 -56.99 -12.88
CA THR A 318 22.76 -55.59 -13.24
C THR A 318 22.48 -54.76 -11.99
N ASP A 319 23.04 -53.55 -11.97
CA ASP A 319 22.79 -52.62 -10.89
C ASP A 319 21.33 -52.18 -10.87
N ALA A 320 20.78 -52.00 -9.67
CA ALA A 320 19.42 -51.50 -9.57
C ALA A 320 19.26 -50.19 -10.32
N SER A 321 20.33 -49.40 -10.45
CA SER A 321 20.22 -48.13 -11.15
C SER A 321 20.16 -48.30 -12.67
N ASP A 322 20.46 -49.49 -13.19
CA ASP A 322 20.36 -49.76 -14.61
C ASP A 322 19.09 -50.48 -14.99
N VAL A 323 18.19 -50.70 -14.03
CA VAL A 323 16.93 -51.39 -14.24
C VAL A 323 15.85 -50.34 -14.46
N LYS A 324 14.91 -50.65 -15.34
CA LYS A 324 13.83 -49.75 -15.68
C LYS A 324 13.08 -49.30 -14.42
N PRO A 325 12.61 -48.04 -14.40
CA PRO A 325 11.86 -47.58 -13.23
C PRO A 325 10.56 -48.35 -13.04
N CYS A 326 10.04 -48.31 -11.82
CA CYS A 326 8.78 -48.96 -11.49
C CYS A 326 7.63 -48.03 -11.84
#